data_5X17
#
_entry.id   5X17
#
_cell.length_a   50.135
_cell.length_b   130.349
_cell.length_c   53.177
_cell.angle_alpha   90.00
_cell.angle_beta   115.45
_cell.angle_gamma   90.00
#
_symmetry.space_group_name_H-M   'P 1 21 1'
#
loop_
_entity.id
_entity.type
_entity.pdbx_description
1 polymer 'Casein kinase I isoform delta'
2 non-polymer 'SULFATE ION'
3 non-polymer "ADENOSINE-5'-DIPHOSPHATE"
4 water water
#
_entity_poly.entity_id   1
_entity_poly.type   'polypeptide(L)'
_entity_poly.pdbx_seq_one_letter_code
;GGMELRVGNRYRLGRKIGSGSFGDIYLGTDIAAGEEVAIKLECVKTKHPQLHIESKIYKMMQGGVGIPTIRWCGAEGDYN
VMVMELLGPSLEDLFNFCSRKFSLKTVLLLADQMISRIEYIHSKNFIHRDVKPDNFLMGLGKKGNLVYIIDFGLAKKYRD
ARTHQHIPYRENKNLTGTARYASINTHLGIEQSRRDDLESLGYVLMYFNLGSLPWQGLKAATKRQKYERISEKKMSTPIE
VLCKGYPSEFATYLNFCRSLRFDDKPDYSYLRQLFRNLFHRQGFSYDYVFDWNMLK
;
_entity_poly.pdbx_strand_id   A,B
#
# COMPACT_ATOMS: atom_id res chain seq x y z
N LEU A 5 18.45 -10.19 1.20
CA LEU A 5 17.65 -9.21 2.02
C LEU A 5 17.33 -9.78 3.40
N ARG A 6 18.17 -9.46 4.37
CA ARG A 6 18.19 -10.19 5.63
C ARG A 6 17.78 -9.31 6.82
N VAL A 7 17.24 -9.99 7.82
CA VAL A 7 17.00 -9.41 9.12
C VAL A 7 17.75 -10.39 10.01
N GLY A 8 19.03 -10.09 10.20
CA GLY A 8 19.97 -10.90 11.00
C GLY A 8 20.27 -12.18 10.25
N ASN A 9 20.51 -13.24 11.02
CA ASN A 9 20.56 -14.62 10.53
C ASN A 9 19.18 -15.32 10.61
N ARG A 10 18.13 -14.55 10.92
CA ARG A 10 16.87 -15.12 11.39
C ARG A 10 15.81 -15.16 10.29
N TYR A 11 15.64 -14.05 9.58
CA TYR A 11 14.58 -13.89 8.58
C TYR A 11 15.17 -13.33 7.32
N ARG A 12 14.56 -13.72 6.20
CA ARG A 12 14.76 -13.04 4.96
C ARG A 12 13.47 -12.33 4.72
N LEU A 13 13.54 -11.15 4.10
CA LEU A 13 12.35 -10.45 3.63
C LEU A 13 12.09 -10.74 2.16
N GLY A 14 10.82 -10.93 1.81
CA GLY A 14 10.40 -11.16 0.43
C GLY A 14 9.91 -9.87 -0.19
N ARG A 15 8.94 -9.20 0.46
CA ARG A 15 8.38 -7.96 -0.04
C ARG A 15 7.60 -7.22 1.03
N LYS A 16 7.37 -5.94 0.79
CA LYS A 16 6.59 -5.11 1.61
C LYS A 16 5.12 -5.44 1.29
N ILE A 17 4.31 -5.61 2.31
CA ILE A 17 2.87 -5.91 2.11
C ILE A 17 1.94 -5.00 2.87
N GLY A 18 2.49 -4.11 3.66
CA GLY A 18 1.68 -3.05 4.18
C GLY A 18 2.44 -2.07 4.99
N SER A 19 1.77 -0.96 5.25
CA SER A 19 2.28 0.10 6.09
C SER A 19 1.11 0.68 6.92
N GLY A 20 1.10 0.43 8.22
CA GLY A 20 0.02 0.87 9.09
C GLY A 20 0.33 2.25 9.61
N SER A 21 -0.22 2.60 10.77
CA SER A 21 0.04 3.92 11.32
C SER A 21 1.50 4.16 11.74
N PHE A 22 2.25 3.10 12.10
CA PHE A 22 3.73 3.20 12.23
C PHE A 22 4.42 1.94 11.71
N GLY A 23 5.67 2.09 11.27
CA GLY A 23 6.45 0.97 10.79
C GLY A 23 6.00 0.45 9.43
N ASP A 24 6.48 -0.74 9.08
CA ASP A 24 6.09 -1.39 7.85
C ASP A 24 6.04 -2.87 8.03
N ILE A 25 5.23 -3.51 7.21
CA ILE A 25 5.02 -4.96 7.30
C ILE A 25 5.56 -5.64 6.06
N TYR A 26 6.36 -6.67 6.23
CA TYR A 26 6.98 -7.37 5.13
C TYR A 26 6.56 -8.81 5.25
N LEU A 27 6.38 -9.46 4.11
CA LEU A 27 6.23 -10.89 4.07
C LEU A 27 7.67 -11.36 4.14
N GLY A 28 7.94 -12.37 4.94
CA GLY A 28 9.31 -12.85 5.14
C GLY A 28 9.37 -14.34 5.40
N THR A 29 10.58 -14.89 5.46
CA THR A 29 10.76 -16.30 5.78
C THR A 29 11.42 -16.39 7.12
N ASP A 30 10.85 -17.24 7.96
CA ASP A 30 11.43 -17.58 9.22
C ASP A 30 12.31 -18.76 8.82
N ILE A 31 13.62 -18.49 8.78
CA ILE A 31 14.64 -19.44 8.33
C ILE A 31 14.66 -20.73 9.19
N ALA A 32 14.75 -20.60 10.50
CA ALA A 32 14.73 -21.75 11.42
C ALA A 32 13.49 -22.64 11.25
N ALA A 33 12.32 -22.01 11.27
CA ALA A 33 11.02 -22.71 11.15
C ALA A 33 10.66 -23.16 9.69
N GLY A 34 11.35 -22.63 8.68
CA GLY A 34 11.00 -22.89 7.27
C GLY A 34 9.57 -22.52 6.91
N GLU A 35 9.08 -21.37 7.40
CA GLU A 35 7.71 -20.92 7.12
C GLU A 35 7.69 -19.42 6.87
N GLU A 36 6.67 -18.96 6.12
CA GLU A 36 6.47 -17.54 5.88
C GLU A 36 5.89 -16.87 7.16
N VAL A 37 6.26 -15.61 7.38
CA VAL A 37 5.81 -14.86 8.53
C VAL A 37 5.63 -13.38 8.11
N ALA A 38 4.94 -12.62 8.96
CA ALA A 38 4.79 -11.20 8.75
C ALA A 38 5.75 -10.57 9.71
N ILE A 39 6.59 -9.69 9.16
CA ILE A 39 7.64 -9.02 9.90
C ILE A 39 7.37 -7.54 9.89
N LYS A 40 7.20 -6.98 11.09
CA LYS A 40 6.99 -5.53 11.24
C LYS A 40 8.30 -4.93 11.70
N LEU A 41 8.65 -3.78 11.12
CA LEU A 41 9.91 -3.16 11.36
C LEU A 41 9.66 -1.71 11.70
N GLU A 42 10.31 -1.24 12.76
CA GLU A 42 10.23 0.16 13.15
C GLU A 42 11.68 0.64 13.20
N CYS A 43 11.93 1.79 12.60
CA CYS A 43 13.30 2.29 12.53
C CYS A 43 13.78 2.70 13.93
N VAL A 44 14.97 2.26 14.33
CA VAL A 44 15.45 2.59 15.69
C VAL A 44 15.71 4.06 15.93
N LYS A 45 15.68 4.89 14.86
CA LYS A 45 15.81 6.35 14.98
C LYS A 45 14.54 7.05 15.40
N THR A 46 13.44 6.31 15.48
CA THR A 46 12.19 6.85 15.93
C THR A 46 12.32 7.56 17.27
N LYS A 47 11.78 8.78 17.31
CA LYS A 47 11.66 9.53 18.56
C LYS A 47 10.29 9.27 19.22
N HIS A 48 9.45 8.43 18.60
CA HIS A 48 8.17 7.98 19.18
C HIS A 48 8.07 6.43 19.12
N PRO A 49 8.93 5.72 19.88
CA PRO A 49 8.97 4.25 19.80
C PRO A 49 7.68 3.58 20.27
N GLN A 50 7.11 2.71 19.40
CA GLN A 50 5.80 2.08 19.62
C GLN A 50 5.78 0.56 19.51
N LEU A 51 6.78 -0.03 18.87
CA LEU A 51 6.65 -1.40 18.45
C LEU A 51 6.76 -2.27 19.67
N HIS A 52 7.75 -2.01 20.54
CA HIS A 52 7.90 -2.78 21.75
C HIS A 52 6.61 -2.75 22.59
N ILE A 53 6.00 -1.58 22.72
CA ILE A 53 4.73 -1.47 23.42
C ILE A 53 3.64 -2.31 22.74
N GLU A 54 3.54 -2.24 21.41
CA GLU A 54 2.55 -3.07 20.72
C GLU A 54 2.85 -4.55 20.93
N SER A 55 4.12 -4.93 20.93
CA SER A 55 4.49 -6.35 21.09
C SER A 55 4.08 -6.92 22.44
N LYS A 56 4.18 -6.10 23.47
CA LYS A 56 3.78 -6.56 24.82
C LYS A 56 2.28 -6.78 24.87
N ILE A 57 1.51 -5.91 24.21
CA ILE A 57 0.04 -6.06 24.19
C ILE A 57 -0.32 -7.32 23.44
N TYR A 58 0.27 -7.53 22.25
CA TYR A 58 0.05 -8.80 21.51
C TYR A 58 0.42 -10.05 22.32
N LYS A 59 1.49 -9.98 23.12
CA LYS A 59 1.87 -11.04 24.09
C LYS A 59 0.77 -11.32 25.09
N MET A 60 0.29 -10.25 25.70
CA MET A 60 -0.83 -10.36 26.64
C MET A 60 -2.12 -10.95 26.01
N MET A 61 -2.32 -10.82 24.70
CA MET A 61 -3.54 -11.27 24.01
C MET A 61 -3.47 -12.71 23.52
N GLN A 62 -2.30 -13.33 23.64
CA GLN A 62 -2.05 -14.61 23.01
C GLN A 62 -2.98 -15.65 23.53
N GLY A 63 -3.44 -16.52 22.64
CA GLY A 63 -4.27 -17.63 23.05
C GLY A 63 -5.69 -17.47 22.64
N GLY A 64 -6.15 -16.24 22.44
CA GLY A 64 -7.50 -16.03 22.01
C GLY A 64 -7.71 -16.50 20.61
N VAL A 65 -8.93 -16.93 20.31
CA VAL A 65 -9.36 -17.18 18.96
C VAL A 65 -9.20 -15.91 18.13
N GLY A 66 -8.57 -16.04 16.96
CA GLY A 66 -8.42 -14.91 16.05
C GLY A 66 -7.45 -13.84 16.46
N ILE A 67 -6.50 -14.19 17.32
CA ILE A 67 -5.39 -13.35 17.70
C ILE A 67 -4.12 -13.95 17.07
N PRO A 68 -3.40 -13.19 16.23
CA PRO A 68 -2.18 -13.79 15.66
C PRO A 68 -1.11 -14.07 16.73
N THR A 69 -0.41 -15.19 16.53
CA THR A 69 0.69 -15.60 17.37
C THR A 69 1.89 -14.71 17.05
N ILE A 70 2.46 -14.13 18.10
CA ILE A 70 3.76 -13.43 18.07
C ILE A 70 4.93 -14.48 18.18
N ARG A 71 5.81 -14.45 17.20
CA ARG A 71 6.91 -15.43 17.05
C ARG A 71 8.20 -14.96 17.75
N TRP A 72 8.53 -13.67 17.60
CA TRP A 72 9.82 -13.13 18.03
C TRP A 72 9.74 -11.58 18.02
N CYS A 73 10.40 -10.96 19.01
CA CYS A 73 10.61 -9.51 19.09
C CYS A 73 12.06 -9.27 19.45
N GLY A 74 12.60 -8.20 18.92
CA GLY A 74 13.96 -7.84 19.18
C GLY A 74 14.37 -6.66 18.34
N ALA A 75 15.68 -6.59 18.12
CA ALA A 75 16.30 -5.50 17.39
C ALA A 75 17.35 -6.16 16.54
N GLU A 76 17.42 -5.77 15.28
CA GLU A 76 18.39 -6.33 14.34
C GLU A 76 18.77 -5.20 13.39
N GLY A 77 20.05 -4.88 13.31
CA GLY A 77 20.53 -3.76 12.51
C GLY A 77 19.86 -2.46 12.87
N ASP A 78 19.31 -1.79 11.87
CA ASP A 78 18.70 -0.47 12.09
C ASP A 78 17.21 -0.55 12.52
N TYR A 79 16.71 -1.76 12.82
CA TYR A 79 15.32 -1.92 13.13
C TYR A 79 15.00 -2.63 14.43
N ASN A 80 13.98 -2.11 15.11
CA ASN A 80 13.15 -2.92 16.00
C ASN A 80 12.23 -3.83 15.14
N VAL A 81 12.07 -5.07 15.62
CA VAL A 81 11.46 -6.14 14.86
C VAL A 81 10.34 -6.78 15.69
N MET A 82 9.21 -7.07 15.04
CA MET A 82 8.17 -7.90 15.63
C MET A 82 7.68 -8.87 14.58
N VAL A 83 7.80 -10.15 14.84
CA VAL A 83 7.47 -11.15 13.87
C VAL A 83 6.24 -11.85 14.34
N MET A 84 5.31 -11.97 13.42
CA MET A 84 3.95 -12.47 13.71
C MET A 84 3.58 -13.54 12.74
N GLU A 85 2.76 -14.46 13.20
CA GLU A 85 1.99 -15.35 12.30
C GLU A 85 1.43 -14.58 11.09
N LEU A 86 1.77 -15.07 9.92
CA LEU A 86 1.33 -14.51 8.67
C LEU A 86 -0.16 -14.78 8.45
N LEU A 87 -0.93 -13.74 8.12
CA LEU A 87 -2.39 -13.88 7.90
C LEU A 87 -2.78 -13.63 6.47
N GLY A 88 -4.07 -13.80 6.12
CA GLY A 88 -4.51 -13.53 4.78
C GLY A 88 -4.88 -12.05 4.62
N PRO A 89 -5.74 -11.73 3.62
CA PRO A 89 -6.12 -10.37 3.33
C PRO A 89 -6.98 -9.74 4.39
N SER A 90 -6.97 -8.39 4.43
CA SER A 90 -7.81 -7.64 5.31
C SER A 90 -9.24 -7.57 4.75
N LEU A 91 -10.17 -7.20 5.62
CA LEU A 91 -11.57 -7.05 5.17
C LEU A 91 -11.68 -5.83 4.24
N GLU A 92 -10.79 -4.85 4.39
CA GLU A 92 -10.80 -3.70 3.51
C GLU A 92 -10.39 -4.16 2.10
N ASP A 93 -9.35 -4.99 2.03
CA ASP A 93 -8.87 -5.54 0.75
C ASP A 93 -9.97 -6.38 0.10
N LEU A 94 -10.59 -7.25 0.89
CA LEU A 94 -11.60 -8.15 0.38
C LEU A 94 -12.85 -7.38 -0.08
N PHE A 95 -13.21 -6.38 0.71
CA PHE A 95 -14.31 -5.48 0.36
C PHE A 95 -14.06 -4.73 -0.96
N ASN A 96 -12.84 -4.24 -1.17
CA ASN A 96 -12.48 -3.60 -2.44
C ASN A 96 -12.41 -4.55 -3.59
N PHE A 97 -11.91 -5.75 -3.34
CA PHE A 97 -11.99 -6.86 -4.31
C PHE A 97 -13.45 -7.19 -4.75
N CYS A 98 -14.37 -7.11 -3.78
CA CYS A 98 -15.78 -7.30 -4.02
C CYS A 98 -16.43 -5.98 -4.49
N SER A 99 -15.65 -5.01 -4.96
CA SER A 99 -16.17 -3.73 -5.46
C SER A 99 -17.04 -3.04 -4.43
N ARG A 100 -16.66 -3.15 -3.16
CA ARG A 100 -17.36 -2.49 -2.06
C ARG A 100 -18.88 -2.82 -1.97
N LYS A 101 -19.20 -4.10 -2.20
CA LYS A 101 -20.50 -4.63 -2.03
C LYS A 101 -20.36 -5.99 -1.33
N PHE A 102 -20.91 -6.08 -0.11
CA PHE A 102 -21.03 -7.38 0.56
C PHE A 102 -22.51 -7.72 0.65
N SER A 103 -22.79 -9.01 0.57
CA SER A 103 -24.12 -9.52 0.82
C SER A 103 -24.42 -9.40 2.32
N LEU A 104 -25.70 -9.34 2.64
CA LEU A 104 -26.18 -9.31 4.01
C LEU A 104 -25.60 -10.51 4.75
N LYS A 105 -25.61 -11.68 4.10
CA LYS A 105 -25.07 -12.89 4.70
C LYS A 105 -23.59 -12.73 5.09
N THR A 106 -22.81 -12.14 4.23
CA THR A 106 -21.38 -11.96 4.52
C THR A 106 -21.21 -10.93 5.64
N VAL A 107 -22.03 -9.87 5.63
CA VAL A 107 -21.97 -8.85 6.67
C VAL A 107 -22.29 -9.49 8.01
N LEU A 108 -23.25 -10.41 8.02
CA LEU A 108 -23.63 -11.02 9.31
C LEU A 108 -22.63 -12.07 9.79
N LEU A 109 -22.10 -12.87 8.87
CA LEU A 109 -21.00 -13.77 9.17
C LEU A 109 -19.84 -13.03 9.79
N LEU A 110 -19.50 -11.87 9.22
CA LEU A 110 -18.40 -11.05 9.74
C LEU A 110 -18.72 -10.42 11.11
N ALA A 111 -19.92 -9.87 11.28
CA ALA A 111 -20.38 -9.30 12.57
C ALA A 111 -20.19 -10.25 13.75
N ASP A 112 -20.62 -11.50 13.56
CA ASP A 112 -20.58 -12.50 14.62
C ASP A 112 -19.21 -12.65 15.15
N GLN A 113 -18.26 -12.84 14.26
CA GLN A 113 -16.85 -12.97 14.62
C GLN A 113 -16.22 -11.67 15.14
N MET A 114 -16.49 -10.55 14.50
CA MET A 114 -15.91 -9.28 14.94
C MET A 114 -16.30 -8.90 16.37
N ILE A 115 -17.57 -9.14 16.71
CA ILE A 115 -18.04 -8.90 18.08
C ILE A 115 -17.26 -9.77 19.08
N SER A 116 -17.13 -11.07 18.78
CA SER A 116 -16.31 -11.94 19.63
C SER A 116 -14.84 -11.52 19.75
N ARG A 117 -14.21 -11.08 18.67
CA ARG A 117 -12.82 -10.61 18.80
C ARG A 117 -12.72 -9.41 19.79
N ILE A 118 -13.66 -8.49 19.66
CA ILE A 118 -13.63 -7.29 20.49
C ILE A 118 -13.87 -7.69 21.95
N GLU A 119 -14.81 -8.60 22.15
CA GLU A 119 -15.09 -9.14 23.47
C GLU A 119 -13.85 -9.73 24.12
N TYR A 120 -13.11 -10.48 23.32
CA TYR A 120 -11.91 -11.14 23.82
C TYR A 120 -10.87 -10.11 24.33
N ILE A 121 -10.61 -9.11 23.51
CA ILE A 121 -9.70 -8.03 23.90
C ILE A 121 -10.17 -7.38 25.17
N HIS A 122 -11.46 -7.12 25.27
CA HIS A 122 -12.01 -6.54 26.50
C HIS A 122 -11.85 -7.49 27.67
N SER A 123 -12.01 -8.79 27.44
CA SER A 123 -11.73 -9.78 28.52
C SER A 123 -10.30 -9.70 29.05
N LYS A 124 -9.36 -9.28 28.20
CA LYS A 124 -7.97 -9.11 28.59
C LYS A 124 -7.62 -7.71 29.06
N ASN A 125 -8.62 -6.90 29.41
CA ASN A 125 -8.44 -5.62 30.08
C ASN A 125 -8.13 -4.42 29.19
N PHE A 126 -8.18 -4.60 27.85
CA PHE A 126 -7.86 -3.52 26.94
C PHE A 126 -9.05 -3.09 26.07
N ILE A 127 -9.06 -1.81 25.66
CA ILE A 127 -9.88 -1.28 24.61
C ILE A 127 -8.98 -1.27 23.35
N HIS A 128 -9.53 -1.63 22.20
CA HIS A 128 -8.71 -1.66 20.98
C HIS A 128 -8.39 -0.21 20.44
N ARG A 129 -9.45 0.56 20.22
CA ARG A 129 -9.42 2.01 19.82
C ARG A 129 -9.19 2.28 18.37
N ASP A 130 -9.06 1.24 17.57
CA ASP A 130 -8.90 1.44 16.13
C ASP A 130 -9.62 0.39 15.30
N VAL A 131 -10.91 0.26 15.57
CA VAL A 131 -11.76 -0.76 14.94
C VAL A 131 -12.11 -0.24 13.57
N LYS A 132 -11.69 -0.98 12.55
CA LYS A 132 -11.84 -0.61 11.15
C LYS A 132 -11.55 -1.84 10.29
N PRO A 133 -12.05 -1.84 9.04
CA PRO A 133 -11.91 -3.02 8.19
C PRO A 133 -10.46 -3.47 7.92
N ASP A 134 -9.58 -2.49 7.87
CA ASP A 134 -8.18 -2.74 7.70
C ASP A 134 -7.55 -3.57 8.83
N ASN A 135 -8.17 -3.54 10.02
CA ASN A 135 -7.64 -4.19 11.20
C ASN A 135 -8.26 -5.55 11.48
N PHE A 136 -8.91 -6.12 10.49
CA PHE A 136 -9.42 -7.50 10.61
C PHE A 136 -8.97 -8.24 9.37
N LEU A 137 -8.37 -9.41 9.58
CA LEU A 137 -7.75 -10.17 8.51
C LEU A 137 -8.26 -11.59 8.59
N MET A 138 -8.47 -12.19 7.43
CA MET A 138 -8.84 -13.59 7.37
C MET A 138 -7.59 -14.45 7.59
N GLY A 139 -7.77 -15.63 8.17
CA GLY A 139 -6.66 -16.57 8.34
C GLY A 139 -6.22 -17.18 7.01
N LEU A 140 -5.10 -17.91 7.05
CA LEU A 140 -4.61 -18.68 5.90
C LEU A 140 -5.00 -20.15 6.00
N GLY A 141 -5.20 -20.75 4.83
CA GLY A 141 -5.38 -22.17 4.69
C GLY A 141 -6.67 -22.68 5.27
N LYS A 142 -6.54 -23.67 6.14
CA LYS A 142 -7.65 -24.22 6.91
C LYS A 142 -8.31 -23.18 7.83
N LYS A 143 -7.54 -22.17 8.25
CA LYS A 143 -8.07 -21.02 9.00
C LYS A 143 -8.57 -19.86 8.14
N GLY A 144 -8.82 -20.12 6.85
CA GLY A 144 -9.37 -19.15 5.94
C GLY A 144 -10.74 -18.61 6.28
N ASN A 145 -11.49 -19.32 7.12
CA ASN A 145 -12.81 -18.85 7.54
C ASN A 145 -12.82 -18.10 8.89
N LEU A 146 -11.66 -17.92 9.52
CA LEU A 146 -11.62 -17.30 10.81
C LEU A 146 -11.16 -15.85 10.62
N VAL A 147 -11.91 -14.89 11.19
CA VAL A 147 -11.55 -13.48 11.17
C VAL A 147 -10.58 -13.24 12.34
N TYR A 148 -9.38 -12.71 12.04
CA TYR A 148 -8.41 -12.24 13.04
C TYR A 148 -8.45 -10.72 13.24
N ILE A 149 -8.04 -10.27 14.43
CA ILE A 149 -7.94 -8.86 14.71
C ILE A 149 -6.45 -8.54 14.91
N ILE A 150 -6.03 -7.37 14.43
CA ILE A 150 -4.63 -6.93 14.40
C ILE A 150 -4.60 -5.47 14.83
N ASP A 151 -3.41 -4.93 14.92
CA ASP A 151 -3.14 -3.50 15.22
C ASP A 151 -3.48 -3.15 16.66
N PHE A 152 -2.60 -3.51 17.58
CA PHE A 152 -2.74 -3.18 18.98
C PHE A 152 -1.95 -1.92 19.32
N GLY A 153 -1.68 -1.08 18.31
CA GLY A 153 -0.80 0.03 18.51
C GLY A 153 -1.43 1.19 19.26
N LEU A 154 -2.75 1.20 19.36
CA LEU A 154 -3.49 2.23 20.05
C LEU A 154 -4.27 1.71 21.27
N ALA A 155 -4.08 0.44 21.59
CA ALA A 155 -4.82 -0.25 22.59
C ALA A 155 -4.41 0.25 24.00
N LYS A 156 -5.40 0.41 24.85
CA LYS A 156 -5.18 0.99 26.15
C LYS A 156 -5.97 0.22 27.19
N LYS A 157 -5.40 0.09 28.39
CA LYS A 157 -6.05 -0.59 29.51
C LYS A 157 -7.29 0.18 29.97
N TYR A 158 -8.39 -0.51 30.23
CA TYR A 158 -9.59 0.15 30.82
C TYR A 158 -9.91 -0.28 32.23
N ARG A 159 -9.38 -1.44 32.67
CA ARG A 159 -9.53 -1.88 34.06
C ARG A 159 -8.26 -2.58 34.58
N ASP A 160 -8.22 -2.72 35.89
CA ASP A 160 -7.15 -3.39 36.62
C ASP A 160 -7.31 -4.90 36.42
N ALA A 161 -6.22 -5.59 36.15
CA ALA A 161 -6.27 -7.03 35.86
C ALA A 161 -6.68 -7.85 37.07
N ARG A 162 -6.29 -7.40 38.26
CA ARG A 162 -6.62 -8.11 39.50
C ARG A 162 -8.00 -7.78 40.02
N THR A 163 -8.28 -6.49 40.15
CA THR A 163 -9.49 -6.03 40.83
C THR A 163 -10.65 -5.82 39.85
N HIS A 164 -10.36 -5.67 38.55
CA HIS A 164 -11.34 -5.17 37.57
C HIS A 164 -11.93 -3.76 37.85
N GLN A 165 -11.24 -2.94 38.61
CA GLN A 165 -11.66 -1.56 38.85
C GLN A 165 -11.51 -0.80 37.52
N HIS A 166 -12.63 -0.36 36.98
CA HIS A 166 -12.69 0.41 35.71
C HIS A 166 -11.98 1.73 35.91
N ILE A 167 -11.28 2.20 34.89
CA ILE A 167 -10.76 3.56 34.85
C ILE A 167 -11.86 4.61 35.09
N PRO A 168 -11.48 5.74 35.69
CA PRO A 168 -12.54 6.75 35.90
C PRO A 168 -13.02 7.40 34.60
N TYR A 169 -14.28 7.77 34.56
CA TYR A 169 -14.80 8.63 33.52
C TYR A 169 -13.92 9.85 33.46
N ARG A 170 -13.32 10.10 32.31
CA ARG A 170 -12.41 11.18 32.14
C ARG A 170 -12.37 11.61 30.69
N GLU A 171 -11.94 12.84 30.49
CA GLU A 171 -11.64 13.37 29.18
C GLU A 171 -10.45 12.71 28.46
N ASN A 172 -10.49 12.72 27.13
CA ASN A 172 -9.30 12.44 26.29
C ASN A 172 -9.33 13.41 25.13
N LYS A 173 -8.32 14.29 25.05
CA LYS A 173 -8.34 15.41 24.08
C LYS A 173 -7.97 14.98 22.65
N ASN A 174 -7.31 13.85 22.50
CA ASN A 174 -6.96 13.32 21.17
C ASN A 174 -8.10 12.54 20.53
N LEU A 175 -8.32 12.77 19.23
CA LEU A 175 -9.08 11.84 18.41
C LEU A 175 -8.07 10.80 17.94
N THR A 176 -7.91 9.71 18.68
CA THR A 176 -6.74 8.83 18.47
C THR A 176 -6.70 8.02 17.16
N GLY A 177 -7.71 7.20 16.96
CA GLY A 177 -7.79 6.28 15.81
C GLY A 177 -8.42 6.97 14.63
N THR A 178 -9.02 6.17 13.76
CA THR A 178 -9.55 6.65 12.49
C THR A 178 -10.87 7.38 12.71
N ALA A 179 -10.89 8.65 12.32
CA ALA A 179 -12.09 9.46 12.43
C ALA A 179 -13.33 8.90 11.72
N ARG A 180 -13.19 8.28 10.56
CA ARG A 180 -14.36 7.73 9.90
C ARG A 180 -15.19 6.82 10.83
N TYR A 181 -14.54 6.03 11.69
CA TYR A 181 -15.23 5.03 12.53
C TYR A 181 -15.33 5.39 14.02
N ALA A 182 -14.88 6.59 14.38
CA ALA A 182 -14.77 6.95 15.79
C ALA A 182 -16.19 7.11 16.33
N SER A 183 -16.32 6.84 17.62
CA SER A 183 -17.56 7.03 18.30
C SER A 183 -17.87 8.52 18.50
N ILE A 184 -19.14 8.82 18.63
CA ILE A 184 -19.56 10.16 19.07
C ILE A 184 -18.95 10.57 20.42
N ASN A 185 -18.87 9.68 21.40
CA ASN A 185 -18.14 10.00 22.68
C ASN A 185 -16.73 10.48 22.39
N THR A 186 -16.10 9.85 21.38
CA THR A 186 -14.73 10.18 21.03
C THR A 186 -14.68 11.59 20.42
N HIS A 187 -15.63 11.89 19.53
CA HIS A 187 -15.74 13.22 18.96
C HIS A 187 -15.95 14.28 20.04
N LEU A 188 -16.64 13.92 21.11
CA LEU A 188 -16.83 14.81 22.24
C LEU A 188 -15.70 14.88 23.27
N GLY A 189 -14.62 14.16 23.03
CA GLY A 189 -13.38 14.27 23.81
C GLY A 189 -13.43 13.46 25.10
N ILE A 190 -14.20 12.39 25.10
CA ILE A 190 -14.35 11.50 26.26
C ILE A 190 -13.53 10.25 26.03
N GLU A 191 -12.85 9.80 27.09
CA GLU A 191 -12.02 8.57 27.03
C GLU A 191 -12.84 7.40 26.50
N GLN A 192 -12.25 6.65 25.62
CA GLN A 192 -12.90 5.48 25.05
C GLN A 192 -12.93 4.33 26.07
N SER A 193 -14.05 3.63 26.11
CA SER A 193 -14.24 2.43 26.91
C SER A 193 -14.91 1.36 26.03
N ARG A 194 -15.41 0.30 26.63
CA ARG A 194 -15.79 -0.87 25.86
C ARG A 194 -16.88 -0.52 24.84
N ARG A 195 -17.86 0.28 25.26
CA ARG A 195 -18.92 0.75 24.32
C ARG A 195 -18.42 1.34 22.97
N ASP A 196 -17.26 1.98 23.01
CA ASP A 196 -16.78 2.74 21.87
C ASP A 196 -16.20 1.87 20.76
N ASP A 197 -15.47 0.81 21.13
CA ASP A 197 -15.12 -0.23 20.15
C ASP A 197 -16.33 -0.80 19.43
N LEU A 198 -17.38 -1.10 20.21
CA LEU A 198 -18.63 -1.70 19.65
C LEU A 198 -19.38 -0.73 18.78
N GLU A 199 -19.45 0.53 19.18
CA GLU A 199 -20.09 1.53 18.31
C GLU A 199 -19.32 1.65 17.02
N SER A 200 -17.97 1.66 17.08
CA SER A 200 -17.16 1.75 15.84
C SER A 200 -17.43 0.60 14.89
N LEU A 201 -17.51 -0.63 15.42
CA LEU A 201 -17.87 -1.78 14.65
C LEU A 201 -19.25 -1.59 13.98
N GLY A 202 -20.19 -1.00 14.68
CA GLY A 202 -21.45 -0.59 14.07
C GLY A 202 -21.32 0.26 12.83
N TYR A 203 -20.40 1.24 12.88
CA TYR A 203 -20.09 2.04 11.68
C TYR A 203 -19.41 1.21 10.59
N VAL A 204 -18.52 0.30 10.98
CA VAL A 204 -17.87 -0.62 10.03
C VAL A 204 -18.94 -1.45 9.34
N LEU A 205 -19.87 -2.01 10.10
CA LEU A 205 -20.96 -2.85 9.49
C LEU A 205 -21.82 -2.07 8.52
N MET A 206 -22.17 -0.86 8.91
CA MET A 206 -22.92 0.01 8.00
C MET A 206 -22.11 0.44 6.80
N TYR A 207 -20.81 0.60 6.96
CA TYR A 207 -19.92 0.87 5.83
C TYR A 207 -19.93 -0.31 4.88
N PHE A 208 -19.84 -1.54 5.40
CA PHE A 208 -19.96 -2.72 4.55
C PHE A 208 -21.32 -2.75 3.82
N ASN A 209 -22.40 -2.38 4.48
CA ASN A 209 -23.70 -2.40 3.82
C ASN A 209 -23.83 -1.33 2.72
N LEU A 210 -23.32 -0.13 2.97
CA LEU A 210 -23.54 1.03 2.08
C LEU A 210 -22.52 1.17 0.97
N GLY A 211 -21.30 0.66 1.18
CA GLY A 211 -20.16 0.94 0.32
C GLY A 211 -19.33 2.12 0.79
N SER A 212 -19.95 3.02 1.57
CA SER A 212 -19.30 4.18 2.12
C SER A 212 -20.20 4.75 3.25
N LEU A 213 -19.68 5.64 4.08
CA LEU A 213 -20.47 6.32 5.10
C LEU A 213 -20.73 7.80 4.70
N PRO A 214 -21.84 8.42 5.14
CA PRO A 214 -22.17 9.80 4.72
C PRO A 214 -21.23 10.91 5.13
N TRP A 215 -20.33 10.62 6.08
CA TRP A 215 -19.30 11.56 6.54
C TRP A 215 -17.93 11.27 5.94
N GLN A 216 -17.89 10.35 4.99
CA GLN A 216 -16.68 9.94 4.30
C GLN A 216 -16.49 10.83 3.05
N GLY A 217 -15.26 11.22 2.76
CA GLY A 217 -14.99 12.11 1.63
C GLY A 217 -15.50 13.55 1.73
N LEU A 218 -15.39 14.16 2.90
CA LEU A 218 -15.63 15.59 3.07
C LEU A 218 -14.25 16.29 3.02
N LYS A 219 -14.10 17.29 2.14
CA LYS A 219 -12.81 17.98 1.99
C LYS A 219 -12.64 19.08 3.03
N ALA A 220 -11.39 19.27 3.45
CA ALA A 220 -11.00 20.38 4.33
C ALA A 220 -9.48 20.64 4.28
N ALA A 221 -9.08 21.88 4.61
CA ALA A 221 -7.67 22.30 4.59
C ALA A 221 -6.86 21.72 5.77
N THR A 222 -7.22 22.10 7.01
CA THR A 222 -6.56 21.54 8.21
C THR A 222 -7.02 20.10 8.44
N LYS A 223 -6.17 19.29 9.08
CA LYS A 223 -6.56 17.94 9.54
C LYS A 223 -7.59 18.00 10.69
N ARG A 224 -7.61 19.10 11.43
CA ARG A 224 -8.58 19.31 12.52
C ARG A 224 -9.96 19.81 12.04
N GLN A 225 -10.00 20.47 10.87
CA GLN A 225 -11.25 20.87 10.23
C GLN A 225 -11.92 19.69 9.54
N LYS A 226 -11.12 18.75 9.04
CA LYS A 226 -11.67 17.48 8.51
C LYS A 226 -12.35 16.69 9.63
N TYR A 227 -11.65 16.47 10.74
CA TYR A 227 -12.25 15.87 11.94
C TYR A 227 -13.50 16.60 12.42
N GLU A 228 -13.51 17.93 12.32
CA GLU A 228 -14.67 18.70 12.74
C GLU A 228 -15.83 18.51 11.79
N ARG A 229 -15.54 18.48 10.48
CA ARG A 229 -16.61 18.23 9.53
C ARG A 229 -17.18 16.81 9.71
N ILE A 230 -16.32 15.81 9.95
CA ILE A 230 -16.80 14.43 10.17
C ILE A 230 -17.67 14.41 11.43
N SER A 231 -17.13 14.99 12.49
CA SER A 231 -17.87 15.06 13.74
C SER A 231 -19.28 15.67 13.56
N GLU A 232 -19.36 16.82 12.89
CA GLU A 232 -20.67 17.46 12.62
C GLU A 232 -21.64 16.60 11.80
N LYS A 233 -21.15 16.04 10.70
CA LYS A 233 -21.99 15.21 9.84
C LYS A 233 -22.45 13.91 10.58
N LYS A 234 -21.54 13.36 11.38
CA LYS A 234 -21.87 12.18 12.21
C LYS A 234 -22.93 12.50 13.25
N MET A 235 -22.77 13.62 13.94
CA MET A 235 -23.76 14.04 14.95
C MET A 235 -25.07 14.49 14.32
N SER A 236 -25.05 14.97 13.10
CA SER A 236 -26.29 15.40 12.42
C SER A 236 -27.01 14.32 11.60
N THR A 237 -26.48 13.09 11.60
CA THR A 237 -27.08 11.98 10.84
C THR A 237 -27.70 11.00 11.85
N PRO A 238 -29.06 10.94 11.95
CA PRO A 238 -29.55 10.04 12.98
C PRO A 238 -29.35 8.57 12.59
N ILE A 239 -29.19 7.72 13.59
CA ILE A 239 -28.99 6.28 13.35
C ILE A 239 -30.03 5.74 12.39
N GLU A 240 -31.27 6.17 12.60
CA GLU A 240 -32.41 5.76 11.76
C GLU A 240 -32.28 6.23 10.29
N VAL A 241 -31.68 7.39 10.01
CA VAL A 241 -31.39 7.81 8.63
C VAL A 241 -30.23 6.98 8.05
N LEU A 242 -29.12 6.96 8.76
CA LEU A 242 -27.97 6.11 8.41
C LEU A 242 -28.38 4.69 8.02
N CYS A 243 -29.20 4.05 8.85
CA CYS A 243 -29.49 2.64 8.62
C CYS A 243 -30.74 2.39 7.75
N LYS A 244 -31.28 3.46 7.15
CA LYS A 244 -32.50 3.36 6.32
C LYS A 244 -32.29 2.40 5.16
N GLY A 245 -33.17 1.42 5.01
CA GLY A 245 -33.05 0.47 3.90
C GLY A 245 -32.38 -0.85 4.24
N TYR A 246 -31.92 -1.01 5.47
CA TYR A 246 -31.28 -2.26 5.92
C TYR A 246 -32.06 -2.79 7.08
N PRO A 247 -31.92 -4.09 7.40
CA PRO A 247 -32.54 -4.65 8.56
C PRO A 247 -32.37 -3.79 9.83
N SER A 248 -33.44 -3.75 10.62
CA SER A 248 -33.52 -2.92 11.80
C SER A 248 -32.46 -3.28 12.84
N GLU A 249 -31.95 -4.50 12.82
CA GLU A 249 -30.93 -4.91 13.77
C GLU A 249 -29.71 -4.01 13.70
N PHE A 250 -29.39 -3.43 12.54
CA PHE A 250 -28.21 -2.55 12.44
C PHE A 250 -28.42 -1.29 13.30
N ALA A 251 -29.65 -0.77 13.29
CA ALA A 251 -30.02 0.41 14.08
C ALA A 251 -30.08 0.11 15.57
N THR A 252 -30.74 -1.00 15.90
CA THR A 252 -30.83 -1.50 17.26
C THR A 252 -29.42 -1.68 17.87
N TYR A 253 -28.49 -2.22 17.08
CA TYR A 253 -27.09 -2.40 17.44
C TYR A 253 -26.46 -1.07 17.83
N LEU A 254 -26.51 -0.15 16.88
CA LEU A 254 -25.92 1.19 17.10
C LEU A 254 -26.55 1.91 18.30
N ASN A 255 -27.88 1.84 18.43
CA ASN A 255 -28.60 2.49 19.56
C ASN A 255 -28.21 1.85 20.90
N PHE A 256 -28.08 0.51 20.91
CA PHE A 256 -27.66 -0.17 22.09
C PHE A 256 -26.25 0.31 22.51
N CYS A 257 -25.33 0.46 21.57
CA CYS A 257 -23.93 0.82 21.88
C CYS A 257 -23.82 2.29 22.30
N ARG A 258 -24.61 3.16 21.68
CA ARG A 258 -24.63 4.58 22.08
C ARG A 258 -25.28 4.79 23.45
N SER A 259 -26.16 3.88 23.84
CA SER A 259 -26.87 3.93 25.10
C SER A 259 -26.09 3.35 26.26
N LEU A 260 -24.97 2.68 26.02
CA LEU A 260 -24.17 2.08 27.08
C LEU A 260 -23.54 3.18 27.89
N ARG A 261 -23.51 2.98 29.20
CA ARG A 261 -22.78 3.87 30.10
C ARG A 261 -21.29 3.58 29.98
N PHE A 262 -20.47 4.56 30.31
CA PHE A 262 -19.00 4.46 30.22
C PHE A 262 -18.39 3.14 30.76
N ASP A 263 -18.84 2.71 31.92
CA ASP A 263 -18.24 1.56 32.59
C ASP A 263 -19.04 0.28 32.45
N ASP A 264 -20.14 0.35 31.68
CA ASP A 264 -21.01 -0.79 31.48
C ASP A 264 -20.24 -1.89 30.80
N LYS A 265 -20.45 -3.10 31.28
CA LYS A 265 -20.11 -4.30 30.59
C LYS A 265 -21.14 -4.50 29.50
N PRO A 266 -20.72 -4.48 28.21
CA PRO A 266 -21.69 -4.71 27.17
C PRO A 266 -22.20 -6.13 27.17
N ASP A 267 -23.47 -6.27 26.74
CA ASP A 267 -24.07 -7.57 26.51
C ASP A 267 -23.70 -8.00 25.07
N TYR A 268 -22.47 -8.46 24.92
CA TYR A 268 -21.97 -8.96 23.62
C TYR A 268 -22.84 -10.12 23.12
N SER A 269 -23.29 -10.99 24.02
CA SER A 269 -24.15 -12.11 23.60
C SER A 269 -25.42 -11.60 22.94
N TYR A 270 -26.04 -10.62 23.56
CA TYR A 270 -27.27 -10.02 23.00
C TYR A 270 -27.03 -9.47 21.60
N LEU A 271 -25.92 -8.79 21.46
CA LEU A 271 -25.57 -8.19 20.19
C LEU A 271 -25.29 -9.25 19.12
N ARG A 272 -24.55 -10.32 19.48
CA ARG A 272 -24.41 -11.45 18.52
C ARG A 272 -25.78 -12.03 18.16
N GLN A 273 -26.64 -12.23 19.17
CA GLN A 273 -28.00 -12.81 18.92
C GLN A 273 -28.88 -12.00 18.01
N LEU A 274 -28.83 -10.68 18.17
CA LEU A 274 -29.53 -9.81 17.26
C LEU A 274 -29.24 -10.19 15.85
N PHE A 275 -27.96 -10.28 15.51
CA PHE A 275 -27.59 -10.53 14.12
C PHE A 275 -27.82 -12.02 13.73
N ARG A 276 -27.49 -12.97 14.63
CA ARG A 276 -27.76 -14.40 14.41
C ARG A 276 -29.26 -14.71 14.12
N ASN A 277 -30.20 -14.16 14.91
N ASN A 277 -30.16 -14.15 14.92
CA ASN A 277 -31.64 -14.42 14.70
CA ASN A 277 -31.58 -14.38 14.74
C ASN A 277 -32.06 -13.83 13.34
C ASN A 277 -32.05 -13.83 13.38
N LEU A 278 -31.56 -12.64 12.99
CA LEU A 278 -31.77 -12.08 11.66
C LEU A 278 -31.31 -13.03 10.55
N PHE A 279 -30.07 -13.45 10.70
CA PHE A 279 -29.39 -14.37 9.81
C PHE A 279 -30.20 -15.68 9.62
N HIS A 280 -30.66 -16.27 10.72
CA HIS A 280 -31.53 -17.45 10.65
C HIS A 280 -32.89 -17.18 10.07
N ARG A 281 -33.43 -15.99 10.30
CA ARG A 281 -34.75 -15.61 9.74
C ARG A 281 -34.67 -15.39 8.25
N GLN A 282 -33.47 -15.07 7.78
CA GLN A 282 -33.20 -14.98 6.36
C GLN A 282 -32.93 -16.32 5.72
N GLY A 283 -32.75 -17.37 6.52
CA GLY A 283 -32.53 -18.69 6.00
C GLY A 283 -31.08 -18.99 5.72
N PHE A 284 -30.17 -18.20 6.28
CA PHE A 284 -28.73 -18.45 6.17
C PHE A 284 -28.28 -19.50 7.22
N SER A 285 -27.10 -20.06 7.01
CA SER A 285 -26.42 -20.96 7.98
C SER A 285 -24.97 -20.53 8.08
N TYR A 286 -24.38 -20.73 9.27
CA TYR A 286 -22.99 -20.33 9.53
C TYR A 286 -22.02 -21.32 8.93
N ASP A 287 -21.96 -21.31 7.59
CA ASP A 287 -21.10 -22.23 6.80
C ASP A 287 -19.80 -21.57 6.39
N TYR A 288 -19.62 -20.31 6.77
CA TYR A 288 -18.43 -19.53 6.41
C TYR A 288 -18.18 -19.49 4.90
N VAL A 289 -19.26 -19.56 4.12
CA VAL A 289 -19.14 -19.23 2.70
C VAL A 289 -19.38 -17.73 2.49
N PHE A 290 -18.27 -17.00 2.36
CA PHE A 290 -18.27 -15.54 2.21
C PHE A 290 -18.41 -15.22 0.74
N ASP A 291 -18.64 -13.94 0.43
CA ASP A 291 -18.85 -13.51 -0.95
C ASP A 291 -17.62 -13.77 -1.82
N TRP A 292 -16.43 -13.60 -1.23
CA TRP A 292 -15.16 -13.82 -1.94
C TRP A 292 -14.88 -15.32 -2.17
N ASN A 293 -15.61 -16.21 -1.52
CA ASN A 293 -15.44 -17.67 -1.71
C ASN A 293 -16.28 -18.24 -2.87
N MET A 294 -17.08 -17.41 -3.56
CA MET A 294 -17.98 -17.88 -4.62
C MET A 294 -17.48 -17.46 -6.01
N ARG B 6 -9.84 -17.13 -5.52
CA ARG B 6 -9.99 -17.70 -6.90
C ARG B 6 -10.21 -16.68 -8.04
N VAL B 7 -9.53 -16.93 -9.15
CA VAL B 7 -9.69 -16.17 -10.41
C VAL B 7 -9.85 -17.23 -11.49
N GLY B 8 -11.11 -17.42 -11.92
CA GLY B 8 -11.49 -18.48 -12.83
C GLY B 8 -11.18 -19.83 -12.21
N ASN B 9 -10.78 -20.78 -13.05
CA ASN B 9 -10.23 -22.06 -12.59
C ASN B 9 -8.70 -22.12 -12.69
N ARG B 10 -8.06 -21.13 -13.32
CA ARG B 10 -6.62 -21.12 -13.60
C ARG B 10 -5.70 -20.70 -12.44
N TYR B 11 -6.16 -19.76 -11.63
CA TYR B 11 -5.29 -19.08 -10.67
C TYR B 11 -5.91 -19.02 -9.30
N ARG B 12 -5.08 -19.28 -8.31
CA ARG B 12 -5.46 -19.10 -6.94
C ARG B 12 -5.00 -17.67 -6.63
N LEU B 13 -5.83 -16.89 -5.97
CA LEU B 13 -5.55 -15.48 -5.80
C LEU B 13 -5.06 -15.34 -4.39
N GLY B 14 -3.86 -14.82 -4.26
CA GLY B 14 -3.27 -14.57 -2.97
C GLY B 14 -3.55 -13.14 -2.59
N ARG B 15 -2.68 -12.59 -1.78
CA ARG B 15 -2.84 -11.26 -1.23
C ARG B 15 -2.56 -10.16 -2.22
N LYS B 16 -3.06 -8.96 -1.90
CA LYS B 16 -2.73 -7.74 -2.61
C LYS B 16 -1.31 -7.33 -2.31
N ILE B 17 -0.55 -7.03 -3.37
CA ILE B 17 0.84 -6.55 -3.21
C ILE B 17 1.09 -5.16 -3.76
N GLY B 18 0.14 -4.59 -4.49
CA GLY B 18 0.33 -3.22 -4.96
C GLY B 18 -0.88 -2.67 -5.62
N SER B 19 -0.82 -1.37 -5.89
CA SER B 19 -1.84 -0.62 -6.56
C SER B 19 -1.14 0.50 -7.32
N GLY B 20 -1.18 0.48 -8.65
CA GLY B 20 -0.57 1.54 -9.47
C GLY B 20 -1.59 2.61 -9.79
N SER B 21 -1.48 3.20 -10.96
CA SER B 21 -2.44 4.23 -11.38
C SER B 21 -3.80 3.66 -11.82
N PHE B 22 -3.89 2.36 -12.07
CA PHE B 22 -5.18 1.69 -12.22
C PHE B 22 -5.02 0.22 -11.83
N GLY B 23 -6.12 -0.43 -11.47
CA GLY B 23 -6.12 -1.87 -11.16
C GLY B 23 -5.39 -2.11 -9.84
N ASP B 24 -5.24 -3.38 -9.50
CA ASP B 24 -4.53 -3.77 -8.34
C ASP B 24 -3.76 -5.03 -8.69
N ILE B 25 -2.65 -5.21 -7.98
CA ILE B 25 -1.74 -6.28 -8.19
C ILE B 25 -1.81 -7.22 -7.05
N TYR B 26 -1.94 -8.52 -7.38
CA TYR B 26 -2.07 -9.56 -6.37
C TYR B 26 -1.04 -10.63 -6.55
N LEU B 27 -0.58 -11.17 -5.43
CA LEU B 27 0.24 -12.38 -5.47
C LEU B 27 -0.69 -13.50 -5.79
N GLY B 28 -0.29 -14.43 -6.64
CA GLY B 28 -1.14 -15.56 -6.96
C GLY B 28 -0.36 -16.78 -7.30
N THR B 29 -1.07 -17.86 -7.56
CA THR B 29 -0.47 -19.13 -7.85
C THR B 29 -1.11 -19.63 -9.14
N ASP B 30 -0.29 -19.89 -10.16
CA ASP B 30 -0.71 -20.70 -11.32
C ASP B 30 -0.89 -22.17 -10.83
N ILE B 31 -2.10 -22.68 -10.95
CA ILE B 31 -2.46 -23.96 -10.30
C ILE B 31 -1.86 -25.12 -11.08
N ALA B 32 -2.08 -25.12 -12.40
CA ALA B 32 -1.56 -26.14 -13.31
C ALA B 32 -0.05 -26.27 -13.23
N ALA B 33 0.66 -25.17 -12.99
CA ALA B 33 2.14 -25.15 -12.99
C ALA B 33 2.82 -25.11 -11.61
N GLY B 34 2.07 -24.83 -10.55
CA GLY B 34 2.62 -24.77 -9.20
C GLY B 34 3.65 -23.66 -9.00
N GLU B 35 3.39 -22.47 -9.53
CA GLU B 35 4.33 -21.34 -9.44
C GLU B 35 3.62 -20.03 -9.10
N GLU B 36 4.31 -19.20 -8.30
CA GLU B 36 3.80 -17.89 -7.91
C GLU B 36 3.87 -16.91 -9.09
N VAL B 37 2.85 -16.09 -9.22
CA VAL B 37 2.71 -15.08 -10.26
C VAL B 37 2.20 -13.76 -9.70
N ALA B 38 2.34 -12.68 -10.48
CA ALA B 38 1.69 -11.40 -10.16
C ALA B 38 0.49 -11.26 -11.06
N ILE B 39 -0.66 -10.99 -10.47
CA ILE B 39 -1.93 -10.92 -11.20
C ILE B 39 -2.42 -9.52 -11.05
N LYS B 40 -2.55 -8.85 -12.18
CA LYS B 40 -3.09 -7.52 -12.18
C LYS B 40 -4.58 -7.69 -12.53
N LEU B 41 -5.45 -7.09 -11.72
CA LEU B 41 -6.91 -7.08 -11.94
C LEU B 41 -7.43 -5.67 -12.22
N GLU B 42 -8.21 -5.52 -13.29
CA GLU B 42 -8.93 -4.27 -13.61
C GLU B 42 -10.42 -4.60 -13.66
N CYS B 43 -11.22 -3.82 -12.94
CA CYS B 43 -12.68 -4.04 -12.81
C CYS B 43 -13.38 -3.93 -14.19
N VAL B 44 -14.16 -4.93 -14.60
CA VAL B 44 -14.75 -4.91 -15.97
C VAL B 44 -15.80 -3.80 -16.21
N LYS B 45 -16.32 -3.20 -15.15
CA LYS B 45 -17.25 -2.07 -15.26
C LYS B 45 -16.55 -0.73 -15.47
N THR B 46 -15.22 -0.71 -15.55
CA THR B 46 -14.51 0.53 -15.88
C THR B 46 -15.05 1.21 -17.16
N LYS B 47 -15.12 2.53 -17.11
CA LYS B 47 -15.39 3.38 -18.29
C LYS B 47 -14.12 3.79 -19.06
N HIS B 48 -12.94 3.54 -18.48
CA HIS B 48 -11.65 3.79 -19.12
C HIS B 48 -10.86 2.47 -19.13
N PRO B 49 -11.29 1.52 -19.97
CA PRO B 49 -10.48 0.28 -20.08
C PRO B 49 -9.02 0.59 -20.46
N GLN B 50 -8.08 0.08 -19.65
CA GLN B 50 -6.60 0.27 -19.78
C GLN B 50 -5.76 -1.03 -19.78
N LEU B 51 -6.28 -2.12 -19.20
CA LEU B 51 -5.49 -3.33 -18.98
C LEU B 51 -5.15 -4.02 -20.26
N HIS B 52 -6.12 -4.16 -21.16
CA HIS B 52 -5.89 -4.80 -22.43
C HIS B 52 -4.78 -4.10 -23.25
N ILE B 53 -4.82 -2.76 -23.33
CA ILE B 53 -3.80 -1.92 -23.93
C ILE B 53 -2.40 -2.13 -23.34
N GLU B 54 -2.30 -2.09 -22.02
CA GLU B 54 -1.05 -2.34 -21.32
C GLU B 54 -0.55 -3.74 -21.64
N SER B 55 -1.44 -4.73 -21.64
CA SER B 55 -1.07 -6.11 -21.93
C SER B 55 -0.45 -6.22 -23.34
N LYS B 56 -1.05 -5.55 -24.34
CA LYS B 56 -0.50 -5.56 -25.72
C LYS B 56 0.89 -4.93 -25.80
N ILE B 57 1.11 -3.85 -25.05
CA ILE B 57 2.44 -3.22 -24.97
C ILE B 57 3.42 -4.16 -24.26
N TYR B 58 3.02 -4.75 -23.13
CA TYR B 58 3.88 -5.80 -22.54
C TYR B 58 4.25 -6.87 -23.56
N LYS B 59 3.29 -7.36 -24.35
CA LYS B 59 3.58 -8.38 -25.36
C LYS B 59 4.60 -7.86 -26.41
N MET B 60 4.47 -6.59 -26.82
CA MET B 60 5.43 -5.97 -27.73
C MET B 60 6.85 -5.79 -27.15
N MET B 61 6.96 -5.65 -25.83
CA MET B 61 8.22 -5.46 -25.13
C MET B 61 8.88 -6.75 -24.80
N GLN B 62 8.19 -7.89 -24.99
CA GLN B 62 8.87 -9.13 -24.75
C GLN B 62 10.10 -9.20 -25.71
N GLY B 63 11.12 -9.88 -25.23
CA GLY B 63 12.39 -9.90 -25.95
C GLY B 63 13.35 -8.83 -25.47
N GLY B 64 13.10 -8.31 -24.27
CA GLY B 64 13.96 -7.36 -23.59
C GLY B 64 14.50 -7.93 -22.29
N VAL B 65 15.77 -7.71 -22.05
CA VAL B 65 16.37 -8.04 -20.79
C VAL B 65 15.70 -7.15 -19.76
N GLY B 66 15.36 -7.72 -18.62
CA GLY B 66 14.70 -6.99 -17.52
C GLY B 66 13.27 -6.53 -17.85
N ILE B 67 12.60 -7.23 -18.79
CA ILE B 67 11.18 -6.97 -19.07
C ILE B 67 10.48 -8.19 -18.54
N PRO B 68 9.54 -8.05 -17.60
CA PRO B 68 8.90 -9.26 -17.10
C PRO B 68 8.07 -10.00 -18.18
N THR B 69 8.01 -11.32 -18.05
CA THR B 69 7.25 -12.18 -18.94
C THR B 69 5.75 -12.04 -18.70
N ILE B 70 5.00 -11.84 -19.77
CA ILE B 70 3.54 -11.85 -19.66
C ILE B 70 3.03 -13.28 -19.88
N ARG B 71 2.30 -13.82 -18.91
CA ARG B 71 1.92 -15.24 -18.94
C ARG B 71 0.49 -15.56 -19.47
N TRP B 72 -0.45 -14.68 -19.22
CA TRP B 72 -1.86 -14.91 -19.56
C TRP B 72 -2.65 -13.61 -19.48
N CYS B 73 -3.54 -13.39 -20.45
CA CYS B 73 -4.50 -12.30 -20.44
C CYS B 73 -5.87 -12.78 -20.73
N GLY B 74 -6.87 -12.16 -20.14
CA GLY B 74 -8.24 -12.62 -20.33
C GLY B 74 -9.15 -11.90 -19.38
N ALA B 75 -10.31 -12.51 -19.11
CA ALA B 75 -11.29 -11.95 -18.18
C ALA B 75 -11.86 -13.09 -17.38
N GLU B 76 -12.00 -12.89 -16.08
CA GLU B 76 -12.69 -13.88 -15.24
C GLU B 76 -13.56 -13.12 -14.25
N GLY B 77 -14.78 -13.61 -14.03
CA GLY B 77 -15.73 -12.92 -13.16
C GLY B 77 -15.88 -11.46 -13.55
N ASP B 78 -15.73 -10.59 -12.57
CA ASP B 78 -15.86 -9.14 -12.82
C ASP B 78 -14.56 -8.42 -13.20
N TYR B 79 -13.50 -9.18 -13.52
CA TYR B 79 -12.17 -8.61 -13.79
C TYR B 79 -11.56 -9.00 -15.13
N ASN B 80 -10.99 -8.00 -15.77
CA ASN B 80 -9.92 -8.18 -16.75
C ASN B 80 -8.65 -8.55 -15.98
N VAL B 81 -7.90 -9.50 -16.54
CA VAL B 81 -6.79 -10.16 -15.90
C VAL B 81 -5.57 -10.09 -16.81
N MET B 82 -4.46 -9.69 -16.22
CA MET B 82 -3.13 -9.79 -16.84
C MET B 82 -2.20 -10.44 -15.82
N VAL B 83 -1.75 -11.65 -16.14
CA VAL B 83 -0.85 -12.38 -15.31
C VAL B 83 0.59 -12.24 -15.82
N MET B 84 1.50 -11.90 -14.89
CA MET B 84 2.89 -11.58 -15.20
C MET B 84 3.76 -12.44 -14.34
N GLU B 85 5.01 -12.58 -14.81
CA GLU B 85 6.10 -13.02 -13.98
C GLU B 85 6.10 -12.25 -12.67
N LEU B 86 6.28 -12.98 -11.58
CA LEU B 86 6.49 -12.36 -10.26
C LEU B 86 7.95 -11.89 -10.10
N LEU B 87 8.08 -10.64 -9.70
CA LEU B 87 9.36 -9.98 -9.44
C LEU B 87 9.50 -9.62 -7.96
N GLY B 88 10.66 -9.11 -7.61
CA GLY B 88 11.01 -8.79 -6.24
C GLY B 88 10.62 -7.37 -5.86
N PRO B 89 11.23 -6.82 -4.81
CA PRO B 89 10.85 -5.46 -4.40
C PRO B 89 11.27 -4.37 -5.39
N SER B 90 10.53 -3.26 -5.39
CA SER B 90 10.93 -2.10 -6.10
C SER B 90 12.15 -1.39 -5.49
N LEU B 91 12.78 -0.57 -6.31
CA LEU B 91 13.83 0.31 -5.82
C LEU B 91 13.34 1.30 -4.69
N GLU B 92 12.10 1.75 -4.78
CA GLU B 92 11.50 2.62 -3.76
C GLU B 92 11.42 1.92 -2.43
N ASP B 93 10.85 0.69 -2.46
CA ASP B 93 10.77 -0.17 -1.28
C ASP B 93 12.15 -0.47 -0.75
N LEU B 94 13.12 -0.72 -1.62
CA LEU B 94 14.53 -0.96 -1.16
C LEU B 94 15.19 0.29 -0.61
N PHE B 95 14.94 1.43 -1.25
CA PHE B 95 15.48 2.69 -0.79
C PHE B 95 14.98 2.96 0.63
N ASN B 96 13.67 2.80 0.83
CA ASN B 96 13.09 3.06 2.16
C ASN B 96 13.53 2.08 3.20
N PHE B 97 13.70 0.80 2.86
CA PHE B 97 14.30 -0.14 3.76
C PHE B 97 15.72 0.22 4.23
N CYS B 98 16.50 0.79 3.30
CA CYS B 98 17.84 1.35 3.58
C CYS B 98 17.77 2.78 4.21
N SER B 99 16.62 3.15 4.79
CA SER B 99 16.42 4.49 5.36
C SER B 99 16.83 5.63 4.41
N ARG B 100 16.48 5.53 3.14
CA ARG B 100 16.71 6.63 2.18
C ARG B 100 18.21 7.02 1.97
N LYS B 101 19.09 6.04 2.13
CA LYS B 101 20.52 6.22 1.90
C LYS B 101 21.08 5.15 0.98
N PHE B 102 21.48 5.53 -0.23
CA PHE B 102 22.21 4.61 -1.12
C PHE B 102 23.59 5.13 -1.29
N SER B 103 24.57 4.23 -1.31
CA SER B 103 25.95 4.62 -1.58
C SER B 103 26.09 4.97 -3.05
N LEU B 104 27.11 5.78 -3.34
CA LEU B 104 27.41 6.16 -4.72
C LEU B 104 27.55 4.90 -5.60
N LYS B 105 28.24 3.88 -5.11
CA LYS B 105 28.45 2.63 -5.88
C LYS B 105 27.12 2.01 -6.33
N THR B 106 26.19 1.90 -5.40
CA THR B 106 24.84 1.37 -5.67
C THR B 106 24.08 2.25 -6.63
N VAL B 107 24.19 3.57 -6.48
CA VAL B 107 23.54 4.48 -7.42
C VAL B 107 24.08 4.29 -8.85
N LEU B 108 25.39 4.08 -8.98
CA LEU B 108 26.06 3.95 -10.29
C LEU B 108 25.72 2.59 -10.91
N LEU B 109 25.68 1.54 -10.09
CA LEU B 109 25.35 0.22 -10.62
C LEU B 109 23.91 0.23 -11.14
N LEU B 110 23.02 0.87 -10.40
CA LEU B 110 21.64 1.02 -10.83
C LEU B 110 21.50 1.92 -12.05
N ALA B 111 22.23 3.02 -12.11
CA ALA B 111 22.05 3.97 -13.21
C ALA B 111 22.31 3.26 -14.56
N ASP B 112 23.34 2.43 -14.59
CA ASP B 112 23.68 1.73 -15.84
C ASP B 112 22.52 0.85 -16.28
N GLN B 113 21.91 0.09 -15.36
CA GLN B 113 20.81 -0.78 -15.76
C GLN B 113 19.59 0.01 -16.10
N MET B 114 19.30 1.03 -15.32
CA MET B 114 18.07 1.83 -15.55
C MET B 114 18.09 2.49 -16.96
N ILE B 115 19.26 3.01 -17.35
CA ILE B 115 19.36 3.64 -18.66
C ILE B 115 19.20 2.56 -19.74
N SER B 116 19.80 1.38 -19.56
CA SER B 116 19.54 0.28 -20.50
C SER B 116 18.07 -0.06 -20.73
N ARG B 117 17.28 -0.14 -19.66
CA ARG B 117 15.83 -0.47 -19.79
C ARG B 117 15.08 0.60 -20.58
N ILE B 118 15.35 1.85 -20.29
CA ILE B 118 14.71 2.91 -21.00
C ILE B 118 15.14 2.90 -22.48
N GLU B 119 16.42 2.71 -22.75
CA GLU B 119 16.92 2.63 -24.11
C GLU B 119 16.19 1.51 -24.87
N TYR B 120 16.06 0.33 -24.25
CA TYR B 120 15.36 -0.78 -24.84
C TYR B 120 13.91 -0.44 -25.23
N ILE B 121 13.18 0.17 -24.30
CA ILE B 121 11.81 0.63 -24.57
C ILE B 121 11.77 1.61 -25.75
N HIS B 122 12.70 2.54 -25.76
CA HIS B 122 12.78 3.46 -26.92
C HIS B 122 13.06 2.73 -28.24
N SER B 123 13.87 1.69 -28.19
CA SER B 123 14.19 0.93 -29.36
C SER B 123 12.95 0.17 -29.89
N LYS B 124 11.94 -0.02 -29.05
CA LYS B 124 10.71 -0.68 -29.45
C LYS B 124 9.58 0.31 -29.79
N ASN B 125 9.97 1.58 -30.02
CA ASN B 125 9.13 2.65 -30.54
C ASN B 125 8.20 3.27 -29.50
N PHE B 126 8.45 3.01 -28.20
CA PHE B 126 7.61 3.57 -27.13
C PHE B 126 8.39 4.45 -26.19
N ILE B 127 7.67 5.33 -25.51
CA ILE B 127 8.20 6.07 -24.36
C ILE B 127 7.39 5.57 -23.21
N HIS B 128 7.97 5.63 -22.02
CA HIS B 128 7.42 5.00 -20.82
C HIS B 128 6.50 5.96 -20.08
N ARG B 129 7.02 7.17 -19.89
CA ARG B 129 6.30 8.33 -19.33
C ARG B 129 6.00 8.29 -17.85
N ASP B 130 6.62 7.37 -17.13
CA ASP B 130 6.47 7.32 -15.69
C ASP B 130 7.65 6.63 -15.02
N VAL B 131 8.82 7.16 -15.31
CA VAL B 131 10.05 6.63 -14.83
C VAL B 131 10.17 7.08 -13.39
N LYS B 132 10.27 6.10 -12.49
CA LYS B 132 10.34 6.40 -11.05
C LYS B 132 10.77 5.15 -10.29
N PRO B 133 11.19 5.32 -9.01
CA PRO B 133 11.77 4.20 -8.23
C PRO B 133 10.82 3.03 -8.08
N ASP B 134 9.53 3.35 -7.98
CA ASP B 134 8.46 2.37 -7.84
C ASP B 134 8.27 1.45 -9.04
N ASN B 135 8.76 1.84 -10.20
CA ASN B 135 8.60 1.06 -11.39
C ASN B 135 9.86 0.31 -11.79
N PHE B 136 10.88 0.28 -10.94
CA PHE B 136 11.97 -0.63 -11.18
C PHE B 136 11.94 -1.63 -10.08
N LEU B 137 11.88 -2.91 -10.43
CA LEU B 137 11.90 -4.00 -9.47
C LEU B 137 13.04 -4.96 -9.73
N MET B 138 13.63 -5.46 -8.65
CA MET B 138 14.69 -6.42 -8.75
C MET B 138 14.09 -7.77 -9.00
N GLY B 139 14.85 -8.63 -9.67
CA GLY B 139 14.40 -10.00 -9.92
C GLY B 139 14.44 -10.86 -8.66
N LEU B 140 13.88 -12.05 -8.79
CA LEU B 140 13.87 -13.07 -7.74
C LEU B 140 14.97 -14.07 -8.01
N GLY B 141 15.48 -14.68 -6.94
CA GLY B 141 16.31 -15.86 -7.06
C GLY B 141 17.65 -15.46 -7.66
N LYS B 142 18.06 -16.19 -8.70
CA LYS B 142 19.27 -15.94 -9.43
C LYS B 142 19.24 -14.63 -10.21
N LYS B 143 18.06 -14.03 -10.39
CA LYS B 143 17.95 -12.74 -11.07
C LYS B 143 17.86 -11.56 -10.10
N GLY B 144 18.24 -11.77 -8.82
CA GLY B 144 18.17 -10.73 -7.80
C GLY B 144 19.00 -9.46 -8.03
N ASN B 145 20.02 -9.53 -8.91
CA ASN B 145 20.84 -8.40 -9.30
C ASN B 145 20.44 -7.74 -10.63
N LEU B 146 19.32 -8.17 -11.20
CA LEU B 146 18.80 -7.64 -12.44
C LEU B 146 17.60 -6.75 -12.15
N VAL B 147 17.68 -5.52 -12.64
CA VAL B 147 16.69 -4.51 -12.48
C VAL B 147 15.73 -4.68 -13.65
N TYR B 148 14.46 -4.82 -13.32
CA TYR B 148 13.38 -4.84 -14.30
C TYR B 148 12.60 -3.59 -14.30
N ILE B 149 11.98 -3.30 -15.44
CA ILE B 149 11.15 -2.15 -15.51
C ILE B 149 9.72 -2.62 -15.70
N ILE B 150 8.82 -2.01 -14.94
CA ILE B 150 7.40 -2.29 -15.02
C ILE B 150 6.58 -1.04 -15.35
N ASP B 151 5.26 -1.25 -15.42
CA ASP B 151 4.22 -0.22 -15.58
C ASP B 151 4.23 0.45 -16.92
N PHE B 152 3.59 -0.21 -17.87
CA PHE B 152 3.41 0.31 -19.21
C PHE B 152 2.01 0.87 -19.45
N GLY B 153 1.31 1.24 -18.37
CA GLY B 153 -0.02 1.74 -18.51
C GLY B 153 -0.05 3.18 -18.96
N LEU B 154 1.05 3.94 -18.85
CA LEU B 154 1.09 5.28 -19.50
C LEU B 154 1.97 5.33 -20.75
N ALA B 155 2.48 4.16 -21.21
CA ALA B 155 3.47 4.15 -22.28
C ALA B 155 2.77 4.49 -23.62
N LYS B 156 3.51 5.22 -24.45
CA LYS B 156 2.98 5.79 -25.69
C LYS B 156 3.98 5.57 -26.83
N LYS B 157 3.50 5.15 -27.99
CA LYS B 157 4.32 5.17 -29.20
C LYS B 157 4.82 6.61 -29.54
N TYR B 158 6.12 6.76 -29.77
CA TYR B 158 6.67 8.07 -30.14
C TYR B 158 7.09 8.11 -31.60
N ARG B 159 7.14 6.97 -32.28
CA ARG B 159 7.45 6.93 -33.70
C ARG B 159 6.81 5.73 -34.38
N ASP B 160 6.73 5.81 -35.69
CA ASP B 160 6.12 4.75 -36.50
C ASP B 160 6.97 3.50 -36.52
N ALA B 161 6.37 2.33 -36.47
CA ALA B 161 7.16 1.07 -36.46
C ALA B 161 7.94 0.84 -37.75
N ARG B 162 7.29 1.06 -38.90
CA ARG B 162 7.89 0.92 -40.24
C ARG B 162 8.76 2.12 -40.65
N THR B 163 8.18 3.31 -40.71
CA THR B 163 8.90 4.54 -41.16
C THR B 163 9.83 5.23 -40.13
N HIS B 164 9.59 5.00 -38.82
CA HIS B 164 10.26 5.69 -37.68
C HIS B 164 10.02 7.18 -37.70
N GLN B 165 8.88 7.60 -38.25
CA GLN B 165 8.51 9.02 -38.27
C GLN B 165 8.06 9.36 -36.85
N HIS B 166 8.53 10.48 -36.33
CA HIS B 166 8.28 10.81 -34.93
C HIS B 166 6.83 11.30 -34.84
N ILE B 167 6.24 11.21 -33.66
CA ILE B 167 4.94 11.83 -33.41
C ILE B 167 5.13 13.35 -33.48
N PRO B 168 4.07 14.08 -33.91
CA PRO B 168 4.21 15.53 -34.02
C PRO B 168 4.35 16.21 -32.66
N TYR B 169 5.13 17.28 -32.62
CA TYR B 169 5.23 18.17 -31.44
C TYR B 169 3.83 18.67 -31.05
N ARG B 170 3.64 18.97 -29.77
CA ARG B 170 2.34 19.38 -29.25
C ARG B 170 2.48 19.98 -27.86
N GLU B 171 1.57 20.90 -27.53
CA GLU B 171 1.58 21.67 -26.28
C GLU B 171 0.21 21.51 -25.55
N ASN B 172 0.07 22.12 -24.36
CA ASN B 172 -1.19 22.06 -23.59
C ASN B 172 -1.65 20.63 -23.19
N LYS B 173 -0.70 19.69 -23.07
CA LYS B 173 -0.97 18.34 -22.53
C LYS B 173 -1.23 18.42 -21.02
N ASN B 174 -2.10 17.55 -20.53
CA ASN B 174 -2.28 17.37 -19.09
C ASN B 174 -1.07 16.57 -18.55
N LEU B 175 -0.73 16.80 -17.29
CA LEU B 175 0.31 16.01 -16.61
C LEU B 175 0.05 14.50 -16.70
N THR B 176 1.01 13.76 -17.24
CA THR B 176 0.94 12.29 -17.23
C THR B 176 2.23 11.76 -16.60
N GLY B 177 2.07 10.76 -15.74
CA GLY B 177 3.17 10.25 -14.94
C GLY B 177 3.21 10.96 -13.61
N THR B 178 4.27 10.72 -12.86
CA THR B 178 4.37 11.21 -11.49
C THR B 178 5.05 12.57 -11.46
N ALA B 179 4.51 13.46 -10.63
CA ALA B 179 4.95 14.85 -10.57
C ALA B 179 6.33 15.05 -9.98
N ARG B 180 6.67 14.29 -8.93
CA ARG B 180 8.00 14.44 -8.34
C ARG B 180 9.15 14.16 -9.38
N TYR B 181 8.92 13.30 -10.35
CA TYR B 181 9.95 12.96 -11.35
C TYR B 181 9.70 13.46 -12.77
N ALA B 182 8.57 14.13 -12.99
CA ALA B 182 8.26 14.68 -14.30
C ALA B 182 9.42 15.55 -14.80
N SER B 183 9.62 15.52 -16.11
CA SER B 183 10.51 16.50 -16.73
C SER B 183 9.90 17.90 -16.64
N ILE B 184 10.76 18.90 -16.66
CA ILE B 184 10.32 20.30 -16.71
C ILE B 184 9.34 20.50 -17.87
N ASN B 185 9.70 20.00 -19.05
CA ASN B 185 8.79 20.10 -20.18
C ASN B 185 7.46 19.36 -19.99
N THR B 186 7.47 18.29 -19.19
CA THR B 186 6.24 17.62 -18.87
C THR B 186 5.37 18.57 -18.02
N HIS B 187 5.99 19.26 -17.07
CA HIS B 187 5.31 20.29 -16.30
C HIS B 187 4.76 21.44 -17.18
N LEU B 188 5.35 21.65 -18.37
CA LEU B 188 4.95 22.72 -19.28
C LEU B 188 3.91 22.30 -20.31
N GLY B 189 3.40 21.08 -20.21
CA GLY B 189 2.37 20.59 -21.11
C GLY B 189 2.92 20.19 -22.48
N ILE B 190 4.22 19.97 -22.54
CA ILE B 190 4.85 19.55 -23.76
C ILE B 190 4.64 18.06 -23.87
N GLU B 191 4.25 17.62 -25.06
CA GLU B 191 4.20 16.22 -25.43
C GLU B 191 5.54 15.58 -25.06
N GLN B 192 5.46 14.37 -24.52
CA GLN B 192 6.63 13.71 -24.00
C GLN B 192 7.29 13.00 -25.12
N SER B 193 8.62 12.89 -25.02
CA SER B 193 9.46 12.14 -25.95
C SER B 193 10.63 11.47 -25.19
N ARG B 194 11.57 10.88 -25.92
CA ARG B 194 12.67 10.08 -25.34
C ARG B 194 13.47 10.80 -24.30
N ARG B 195 13.68 12.09 -24.52
CA ARG B 195 14.44 12.90 -23.59
C ARG B 195 13.76 12.99 -22.24
N ASP B 196 12.43 12.94 -22.23
CA ASP B 196 11.70 13.12 -20.95
C ASP B 196 11.87 11.91 -20.01
N ASP B 197 11.79 10.71 -20.58
CA ASP B 197 12.09 9.50 -19.80
C ASP B 197 13.50 9.63 -19.20
N LEU B 198 14.49 10.03 -19.99
CA LEU B 198 15.84 10.14 -19.46
C LEU B 198 16.01 11.25 -18.40
N GLU B 199 15.36 12.39 -18.60
CA GLU B 199 15.39 13.45 -17.59
C GLU B 199 14.78 12.99 -16.23
N SER B 200 13.63 12.35 -16.28
CA SER B 200 13.01 11.74 -15.05
C SER B 200 14.01 10.79 -14.37
N LEU B 201 14.65 9.92 -15.14
CA LEU B 201 15.72 9.11 -14.54
C LEU B 201 16.80 9.92 -13.86
N GLY B 202 17.18 11.07 -14.40
CA GLY B 202 18.15 11.92 -13.70
C GLY B 202 17.68 12.44 -12.34
N TYR B 203 16.40 12.72 -12.21
CA TYR B 203 15.84 13.06 -10.88
C TYR B 203 15.81 11.86 -9.99
N VAL B 204 15.43 10.70 -10.56
CA VAL B 204 15.48 9.46 -9.78
C VAL B 204 16.85 9.31 -9.19
N LEU B 205 17.91 9.47 -9.96
CA LEU B 205 19.26 9.22 -9.38
C LEU B 205 19.63 10.23 -8.28
N MET B 206 19.29 11.51 -8.50
CA MET B 206 19.52 12.56 -7.48
C MET B 206 18.73 12.28 -6.18
N TYR B 207 17.50 11.80 -6.31
CA TYR B 207 16.71 11.35 -5.19
C TYR B 207 17.46 10.28 -4.43
N PHE B 208 17.95 9.23 -5.12
CA PHE B 208 18.78 8.24 -4.42
C PHE B 208 19.99 8.84 -3.78
N ASN B 209 20.58 9.85 -4.42
CA ASN B 209 21.79 10.45 -3.82
C ASN B 209 21.47 11.32 -2.58
N LEU B 210 20.43 12.13 -2.69
CA LEU B 210 20.12 13.12 -1.65
C LEU B 210 19.33 12.53 -0.47
N GLY B 211 18.43 11.58 -0.73
CA GLY B 211 17.48 11.08 0.31
C GLY B 211 16.07 11.53 0.01
N SER B 212 15.96 12.71 -0.61
CA SER B 212 14.71 13.26 -1.13
C SER B 212 15.07 14.38 -2.09
N LEU B 213 14.09 14.82 -2.88
CA LEU B 213 14.29 15.97 -3.78
C LEU B 213 13.77 17.31 -3.14
N PRO B 214 14.39 18.48 -3.50
CA PRO B 214 14.03 19.79 -2.92
C PRO B 214 12.60 20.21 -3.12
N TRP B 215 11.95 19.69 -4.15
CA TRP B 215 10.52 19.90 -4.41
C TRP B 215 9.58 18.85 -3.84
N GLN B 216 10.10 18.01 -2.97
CA GLN B 216 9.28 16.96 -2.36
C GLN B 216 9.00 17.38 -0.90
N GLY B 217 7.86 16.92 -0.39
CA GLY B 217 7.41 17.27 0.94
C GLY B 217 7.05 18.74 1.09
N LEU B 218 6.35 19.28 0.08
CA LEU B 218 5.85 20.66 0.16
C LEU B 218 4.35 20.57 0.45
N LYS B 219 3.92 21.11 1.59
CA LYS B 219 2.50 20.99 2.03
C LYS B 219 1.61 21.96 1.26
N ALA B 220 0.47 21.46 0.82
CA ALA B 220 -0.49 22.27 0.08
C ALA B 220 -1.91 21.82 0.44
N ALA B 221 -2.83 22.78 0.51
CA ALA B 221 -4.22 22.52 0.89
C ALA B 221 -4.91 21.60 -0.13
N THR B 222 -5.12 22.08 -1.35
CA THR B 222 -5.79 21.30 -2.39
C THR B 222 -4.81 20.33 -3.07
N LYS B 223 -5.36 19.35 -3.80
CA LYS B 223 -4.57 18.47 -4.67
C LYS B 223 -3.84 19.27 -5.76
N ARG B 224 -4.55 20.24 -6.36
CA ARG B 224 -4.02 21.13 -7.40
C ARG B 224 -2.85 22.01 -6.92
N GLN B 225 -2.96 22.54 -5.70
CA GLN B 225 -1.93 23.40 -5.08
C GLN B 225 -0.54 22.74 -4.93
N LYS B 226 -0.52 21.45 -4.58
CA LYS B 226 0.76 20.69 -4.52
C LYS B 226 1.41 20.59 -5.89
N TYR B 227 0.63 20.23 -6.91
CA TYR B 227 1.15 20.14 -8.29
C TYR B 227 1.74 21.47 -8.73
N GLU B 228 1.06 22.58 -8.45
CA GLU B 228 1.66 23.89 -8.76
C GLU B 228 2.94 24.20 -7.93
N ARG B 229 2.98 23.91 -6.64
CA ARG B 229 4.22 24.13 -5.85
C ARG B 229 5.42 23.20 -6.25
N ILE B 230 5.14 21.96 -6.63
CA ILE B 230 6.21 21.10 -7.18
C ILE B 230 6.68 21.65 -8.52
N SER B 231 5.74 21.90 -9.43
CA SER B 231 6.09 22.48 -10.73
C SER B 231 6.94 23.75 -10.60
N GLU B 232 6.52 24.68 -9.73
CA GLU B 232 7.26 25.93 -9.52
C GLU B 232 8.64 25.72 -8.92
N LYS B 233 8.73 24.85 -7.91
CA LYS B 233 10.00 24.64 -7.17
C LYS B 233 11.05 23.92 -8.02
N LYS B 234 10.62 22.96 -8.83
CA LYS B 234 11.53 22.27 -9.76
C LYS B 234 12.12 23.25 -10.78
N MET B 235 11.27 24.13 -11.32
CA MET B 235 11.75 25.20 -12.24
C MET B 235 12.64 26.25 -11.55
N SER B 236 12.38 26.57 -10.29
CA SER B 236 13.21 27.50 -9.50
C SER B 236 14.54 26.95 -9.06
N THR B 237 14.76 25.63 -9.18
CA THR B 237 15.99 25.02 -8.67
C THR B 237 16.97 24.77 -9.83
N PRO B 238 18.13 25.44 -9.82
CA PRO B 238 19.08 25.10 -10.87
C PRO B 238 19.64 23.68 -10.71
N ILE B 239 19.85 23.03 -11.84
CA ILE B 239 20.58 21.76 -11.87
C ILE B 239 21.86 21.85 -11.02
N GLU B 240 22.55 22.98 -11.10
CA GLU B 240 23.81 23.16 -10.38
C GLU B 240 23.65 23.21 -8.87
N VAL B 241 22.49 23.66 -8.39
CA VAL B 241 22.16 23.63 -6.96
C VAL B 241 21.69 22.26 -6.53
N LEU B 242 20.72 21.69 -7.27
CA LEU B 242 20.28 20.28 -7.05
C LEU B 242 21.48 19.37 -6.84
N CYS B 243 22.48 19.49 -7.73
CA CYS B 243 23.59 18.51 -7.70
C CYS B 243 24.81 18.88 -6.89
N LYS B 244 24.80 20.03 -6.21
CA LYS B 244 25.96 20.48 -5.44
C LYS B 244 26.42 19.46 -4.41
N GLY B 245 27.73 19.29 -4.30
CA GLY B 245 28.33 18.25 -3.46
C GLY B 245 28.32 16.83 -4.05
N TYR B 246 27.76 16.63 -5.27
CA TYR B 246 27.81 15.29 -5.94
C TYR B 246 28.62 15.37 -7.23
N PRO B 247 29.16 14.21 -7.69
CA PRO B 247 30.06 14.24 -8.83
C PRO B 247 29.46 14.93 -10.03
N SER B 248 30.28 15.66 -10.78
CA SER B 248 29.79 16.49 -11.89
C SER B 248 29.02 15.74 -12.96
N GLU B 249 29.25 14.43 -13.01
CA GLU B 249 28.48 13.54 -13.86
C GLU B 249 26.97 13.68 -13.76
N PHE B 250 26.43 13.82 -12.53
CA PHE B 250 25.00 13.88 -12.33
C PHE B 250 24.35 15.13 -12.93
N ALA B 251 25.01 16.27 -12.75
CA ALA B 251 24.62 17.55 -13.43
C ALA B 251 24.79 17.51 -14.95
N THR B 252 25.92 16.99 -15.40
CA THR B 252 26.09 16.83 -16.86
C THR B 252 24.94 16.03 -17.43
N TYR B 253 24.59 14.94 -16.72
CA TYR B 253 23.58 14.02 -17.23
C TYR B 253 22.30 14.79 -17.40
N LEU B 254 21.88 15.45 -16.32
CA LEU B 254 20.62 16.20 -16.35
C LEU B 254 20.63 17.37 -17.34
N ASN B 255 21.74 18.11 -17.41
CA ASN B 255 21.90 19.19 -18.42
C ASN B 255 21.77 18.66 -19.80
N PHE B 256 22.39 17.50 -20.04
CA PHE B 256 22.37 16.88 -21.35
C PHE B 256 20.92 16.53 -21.72
N CYS B 257 20.18 15.93 -20.79
CA CYS B 257 18.82 15.53 -21.11
C CYS B 257 17.91 16.76 -21.33
N ARG B 258 18.04 17.76 -20.47
CA ARG B 258 17.22 18.99 -20.60
C ARG B 258 17.45 19.71 -21.93
N SER B 259 18.64 19.58 -22.50
CA SER B 259 19.01 20.23 -23.78
C SER B 259 18.66 19.46 -25.07
N LEU B 260 18.32 18.18 -24.98
CA LEU B 260 17.84 17.46 -26.15
C LEU B 260 16.60 18.13 -26.75
N ARG B 261 16.52 18.13 -28.07
CA ARG B 261 15.32 18.57 -28.76
C ARG B 261 14.26 17.47 -28.73
N PHE B 262 13.05 17.86 -29.14
CA PHE B 262 11.89 17.00 -29.09
C PHE B 262 12.08 15.63 -29.70
N ASP B 263 12.48 15.61 -30.97
CA ASP B 263 12.69 14.38 -31.69
C ASP B 263 14.15 13.84 -31.72
N ASP B 264 15.10 14.41 -30.95
CA ASP B 264 16.50 13.90 -30.90
C ASP B 264 16.52 12.47 -30.40
N LYS B 265 17.40 11.67 -30.97
CA LYS B 265 17.75 10.39 -30.40
C LYS B 265 18.80 10.69 -29.35
N PRO B 266 18.55 10.38 -28.06
CA PRO B 266 19.62 10.58 -27.05
C PRO B 266 20.85 9.74 -27.32
N ASP B 267 22.04 10.22 -26.92
CA ASP B 267 23.24 9.42 -26.95
C ASP B 267 23.36 8.57 -25.69
N TYR B 268 22.63 7.46 -25.68
CA TYR B 268 22.61 6.60 -24.48
C TYR B 268 23.98 6.16 -24.06
N SER B 269 24.86 5.82 -25.00
CA SER B 269 26.23 5.34 -24.68
C SER B 269 27.08 6.36 -23.93
N TYR B 270 26.97 7.61 -24.37
CA TYR B 270 27.63 8.72 -23.73
C TYR B 270 27.11 8.87 -22.30
N LEU B 271 25.77 8.81 -22.11
CA LEU B 271 25.22 8.98 -20.73
C LEU B 271 25.68 7.84 -19.84
N ARG B 272 25.62 6.61 -20.34
CA ARG B 272 26.13 5.50 -19.54
C ARG B 272 27.62 5.60 -19.28
N GLN B 273 28.41 5.92 -20.30
CA GLN B 273 29.84 6.11 -20.07
C GLN B 273 30.20 7.12 -18.98
N LEU B 274 29.46 8.22 -18.86
CA LEU B 274 29.70 9.14 -17.77
C LEU B 274 29.78 8.38 -16.43
N PHE B 275 28.76 7.61 -16.15
CA PHE B 275 28.67 6.92 -14.87
C PHE B 275 29.65 5.76 -14.72
N ARG B 276 29.90 5.05 -15.83
CA ARG B 276 30.88 3.95 -15.82
C ARG B 276 32.30 4.48 -15.58
N ASN B 277 32.64 5.58 -16.27
CA ASN B 277 33.94 6.23 -16.04
C ASN B 277 34.09 6.69 -14.59
N LEU B 278 33.03 7.30 -14.07
CA LEU B 278 33.02 7.71 -12.68
C LEU B 278 33.21 6.49 -11.77
N PHE B 279 32.51 5.40 -12.00
CA PHE B 279 32.73 4.15 -11.22
C PHE B 279 34.21 3.73 -11.16
N HIS B 280 34.84 3.70 -12.34
CA HIS B 280 36.25 3.39 -12.50
C HIS B 280 37.14 4.34 -11.70
N ARG B 281 36.94 5.65 -11.87
CA ARG B 281 37.69 6.69 -11.12
CA ARG B 281 37.75 6.62 -11.15
C ARG B 281 37.58 6.53 -9.61
N GLN B 282 36.40 6.13 -9.15
CA GLN B 282 36.17 6.04 -7.72
C GLN B 282 36.87 4.87 -7.10
N GLY B 283 37.31 3.91 -7.92
CA GLY B 283 38.01 2.76 -7.47
C GLY B 283 37.13 1.63 -6.94
N PHE B 284 35.84 1.60 -7.27
CA PHE B 284 34.95 0.54 -6.83
C PHE B 284 35.27 -0.75 -7.55
N SER B 285 35.03 -1.89 -6.92
CA SER B 285 35.15 -3.14 -7.66
C SER B 285 33.75 -3.55 -8.20
N TYR B 286 33.72 -4.39 -9.21
CA TYR B 286 32.50 -4.89 -9.78
C TYR B 286 32.08 -6.20 -9.11
N ASP B 287 32.23 -6.32 -7.78
CA ASP B 287 31.65 -7.49 -7.06
C ASP B 287 30.10 -7.53 -7.19
N TYR B 288 29.51 -6.40 -7.54
CA TYR B 288 28.09 -6.33 -7.91
C TYR B 288 27.23 -6.68 -6.75
N VAL B 289 27.49 -5.99 -5.65
CA VAL B 289 26.82 -6.15 -4.38
C VAL B 289 26.14 -4.81 -4.08
N PHE B 290 24.81 -4.81 -4.03
CA PHE B 290 24.05 -3.61 -3.69
C PHE B 290 24.05 -3.30 -2.19
N ASP B 291 23.69 -2.08 -1.80
CA ASP B 291 23.65 -1.74 -0.37
C ASP B 291 22.78 -2.68 0.51
N TRP B 292 21.64 -3.07 -0.02
CA TRP B 292 20.67 -3.90 0.73
C TRP B 292 21.11 -5.37 0.90
N ASN B 293 22.19 -5.77 0.23
CA ASN B 293 22.73 -7.11 0.34
C ASN B 293 24.10 -7.09 1.07
N MET B 294 24.28 -6.13 1.98
CA MET B 294 25.46 -6.05 2.86
C MET B 294 25.05 -6.29 4.32
#